data_4Y79
#
_entry.id   4Y79
#
_cell.length_a   56.914
_cell.length_b   72.756
_cell.length_c   79.901
_cell.angle_alpha   90.000
_cell.angle_beta   90.000
_cell.angle_gamma   90.000
#
_symmetry.space_group_name_H-M   'P 21 21 21'
#
loop_
_entity.id
_entity.type
_entity.pdbx_description
1 polymer 'Coagulation factor X'
2 polymer 'Coagulation factor X'
3 non-polymer 'CALCIUM ION'
4 non-polymer 'MAGNESIUM ION'
5 non-polymer (E)-2-(4-chlorophenyl)-N-{(3S)-1-[(2S)-1-(morpholin-4-yl)-1-oxopropan-2-yl]-2-oxopyrrolidin-3-yl}ethenesulfonamide
6 water water
#
loop_
_entity_poly.entity_id
_entity_poly.type
_entity_poly.pdbx_seq_one_letter_code
_entity_poly.pdbx_strand_id
1 'polypeptide(L)'
;IVGGQECKDGECPWQALLINEENEGFCGGTILSEFYILTAAHCLYQAKRFKVRVGDRNTEQEEGGEAVHEVEVVIKHNRF
TKETYDFDIAVLRLKTPITFRMNVAPACLPERDWAESTLMTQKTGIVSGFGRTHEKGRQSTRLKMLEVPYVDRNSCKLSS
SFIITQNMFCAGYDTKQEDACQGDSGGPHVTRFKDTYFVTGIVSWGEGCARKGKYGIYTKVTAFLKWIDRSMKTRGLPKA
KSHAPEVITSSPLK
;
A
2 'polypeptide(L)'
;EEMKKGHLERECMEETCSYEEAREVFEDSDKTNEFWNKYKDGDQCETSPCQNQGKCKDGLGEYTCTCLEGFEGKNCELFT
RKLCSLDNGDCDQFCHEEQNSVVCSCARGYTLADNGKACIPTGPYPCGKQTLER
;
B
#
loop_
_chem_comp.id
_chem_comp.type
_chem_comp.name
_chem_comp.formula
4O6 non-polymer (E)-2-(4-chlorophenyl)-N-{(3S)-1-[(2S)-1-(morpholin-4-yl)-1-oxopropan-2-yl]-2-oxopyrrolidin-3-yl}ethenesulfonamide 'C19 H24 Cl N3 O5 S'
CA non-polymer 'CALCIUM ION' 'Ca 2'
MG non-polymer 'MAGNESIUM ION' 'Mg 2'
#
# COMPACT_ATOMS: atom_id res chain seq x y z
N ILE A 1 -13.21 -5.01 -1.02
CA ILE A 1 -13.32 -4.02 -2.13
C ILE A 1 -14.74 -4.00 -2.73
N VAL A 2 -15.40 -2.83 -2.70
CA VAL A 2 -16.71 -2.64 -3.30
C VAL A 2 -16.48 -2.17 -4.73
N GLY A 3 -16.99 -2.92 -5.71
CA GLY A 3 -16.74 -2.56 -7.12
C GLY A 3 -15.35 -2.99 -7.56
N GLY A 4 -14.80 -2.31 -8.56
CA GLY A 4 -13.45 -2.61 -9.06
C GLY A 4 -13.37 -3.84 -9.95
N GLN A 5 -12.21 -4.50 -9.95
CA GLN A 5 -11.99 -5.68 -10.77
C GLN A 5 -11.06 -6.68 -10.07
N GLU A 6 -10.98 -7.88 -10.65
CA GLU A 6 -10.05 -8.89 -10.16
C GLU A 6 -8.61 -8.50 -10.48
N CYS A 7 -7.70 -8.77 -9.53
CA CYS A 7 -6.29 -8.67 -9.85
C CYS A 7 -6.02 -9.86 -10.74
N LYS A 8 -5.50 -9.58 -11.94
CA LYS A 8 -5.14 -10.63 -12.87
C LYS A 8 -3.74 -11.17 -12.53
N ASP A 9 -3.33 -12.24 -13.21
CA ASP A 9 -2.09 -12.93 -12.89
C ASP A 9 -0.87 -11.98 -12.84
N GLY A 10 -0.20 -11.90 -11.69
CA GLY A 10 0.98 -11.03 -11.56
C GLY A 10 0.76 -9.53 -11.34
N GLU A 11 -0.50 -9.09 -11.30
CA GLU A 11 -0.83 -7.66 -11.20
C GLU A 11 -0.81 -6.99 -9.84
N CYS A 12 -0.94 -7.80 -8.77
CA CYS A 12 -0.98 -7.30 -7.39
C CYS A 12 -0.04 -8.14 -6.50
N PRO A 13 1.24 -8.28 -6.90
CA PRO A 13 2.17 -9.21 -6.23
C PRO A 13 2.62 -8.85 -4.81
N TRP A 14 2.44 -7.58 -4.42
CA TRP A 14 2.77 -7.07 -3.08
C TRP A 14 1.67 -7.24 -2.06
N GLN A 15 0.55 -7.87 -2.43
CA GLN A 15 -0.54 -8.11 -1.47
C GLN A 15 -0.20 -9.21 -0.44
N ALA A 16 -0.49 -8.95 0.83
CA ALA A 16 -0.38 -9.96 1.89
C ALA A 16 -1.72 -10.00 2.61
N LEU A 17 -2.04 -11.16 3.20
CA LEU A 17 -3.30 -11.34 3.96
C LEU A 17 -2.99 -11.88 5.35
N LEU A 18 -3.51 -11.23 6.40
CA LEU A 18 -3.30 -11.69 7.77
C LEU A 18 -4.41 -12.69 8.03
N ILE A 19 -4.04 -13.90 8.41
CA ILE A 19 -5.00 -14.99 8.63
C ILE A 19 -5.02 -15.46 10.09
N ASN A 20 -6.21 -15.74 10.60
CA ASN A 20 -6.40 -16.22 11.97
C ASN A 20 -6.21 -17.75 12.10
N GLU A 21 -6.41 -18.26 13.32
CA GLU A 21 -6.32 -19.69 13.65
C GLU A 21 -7.20 -20.57 12.77
N GLU A 22 -8.37 -20.06 12.40
CA GLU A 22 -9.28 -20.77 11.50
C GLU A 22 -8.88 -20.67 10.04
N ASN A 23 -7.73 -20.03 9.78
CA ASN A 23 -7.22 -19.90 8.41
C ASN A 23 -8.06 -18.90 7.58
N GLU A 24 -8.68 -17.95 8.26
CA GLU A 24 -9.53 -16.93 7.62
C GLU A 24 -8.88 -15.56 7.66
N GLY A 25 -8.92 -14.85 6.54
CA GLY A 25 -8.36 -13.50 6.47
C GLY A 25 -9.22 -12.51 7.22
N PHE A 26 -8.58 -11.60 7.94
CA PHE A 26 -9.26 -10.53 8.68
C PHE A 26 -8.66 -9.13 8.43
N CYS A 27 -7.54 -9.06 7.72
CA CYS A 27 -6.84 -7.79 7.40
C CYS A 27 -5.82 -8.03 6.29
N GLY A 28 -5.45 -6.97 5.58
CA GLY A 28 -4.45 -7.05 4.52
C GLY A 28 -3.11 -6.53 5.02
N GLY A 29 -2.11 -6.53 4.13
CA GLY A 29 -0.75 -6.00 4.40
C GLY A 29 -0.03 -5.74 3.07
N THR A 30 1.13 -5.07 3.11
CA THR A 30 1.94 -4.83 1.91
C THR A 30 3.34 -5.40 2.10
N ILE A 31 3.79 -6.22 1.14
CA ILE A 31 5.13 -6.76 1.16
C ILE A 31 6.11 -5.61 0.90
N LEU A 32 7.04 -5.37 1.83
CA LEU A 32 8.06 -4.31 1.67
C LEU A 32 9.44 -4.85 1.34
N SER A 33 9.72 -6.09 1.77
CA SER A 33 11.02 -6.76 1.54
C SER A 33 10.85 -8.25 1.86
N GLU A 34 11.92 -9.03 1.77
CA GLU A 34 11.82 -10.47 2.07
C GLU A 34 11.43 -10.77 3.53
N PHE A 35 11.76 -9.86 4.45
CA PHE A 35 11.44 -10.03 5.88
C PHE A 35 10.31 -9.16 6.45
N TYR A 36 9.90 -8.10 5.75
CA TYR A 36 8.90 -7.16 6.29
C TYR A 36 7.57 -6.94 5.59
N ILE A 37 6.51 -6.89 6.40
CA ILE A 37 5.14 -6.60 5.96
C ILE A 37 4.65 -5.29 6.61
N LEU A 38 4.00 -4.43 5.82
CA LEU A 38 3.41 -3.19 6.34
C LEU A 38 1.90 -3.44 6.59
N THR A 39 1.39 -3.05 7.76
CA THR A 39 -0.07 -3.18 8.02
C THR A 39 -0.62 -2.07 8.93
N ALA A 40 -1.89 -2.17 9.31
CA ALA A 40 -2.50 -1.19 10.22
C ALA A 40 -2.37 -1.63 11.68
N ALA A 41 -2.03 -0.69 12.56
CA ALA A 41 -1.93 -0.93 14.01
C ALA A 41 -3.22 -1.49 14.60
N HIS A 42 -4.36 -0.96 14.18
CA HIS A 42 -5.65 -1.42 14.68
C HIS A 42 -5.94 -2.86 14.37
N CYS A 43 -5.33 -3.38 13.31
CA CYS A 43 -5.53 -4.79 12.93
C CYS A 43 -4.98 -5.77 13.95
N LEU A 44 -4.06 -5.31 14.80
CA LEU A 44 -3.37 -6.17 15.78
C LEU A 44 -4.22 -6.54 17.01
N TYR A 45 -5.44 -6.01 17.08
CA TYR A 45 -6.36 -6.28 18.17
C TYR A 45 -7.53 -7.14 17.69
N GLN A 46 -7.40 -7.72 16.49
CA GLN A 46 -8.48 -8.51 15.90
C GLN A 46 -8.24 -10.03 15.87
N ALA A 47 -7.24 -10.50 16.61
CA ALA A 47 -6.89 -11.93 16.72
C ALA A 47 -5.72 -12.14 17.68
N LYS A 48 -5.79 -13.20 18.47
CA LYS A 48 -4.72 -13.53 19.41
C LYS A 48 -3.45 -13.99 18.69
N ARG A 49 -3.62 -14.95 17.78
CA ARG A 49 -2.49 -15.47 17.04
C ARG A 49 -2.82 -15.44 15.55
N PHE A 50 -1.89 -14.93 14.75
CA PHE A 50 -2.11 -14.85 13.32
C PHE A 50 -0.85 -15.11 12.49
N LYS A 51 -1.06 -15.39 11.22
CA LYS A 51 0.02 -15.64 10.26
C LYS A 51 -0.18 -14.76 9.02
N VAL A 52 0.83 -14.75 8.15
CA VAL A 52 0.75 -13.97 6.92
C VAL A 52 0.79 -14.88 5.68
N ARG A 53 -0.18 -14.68 4.78
CA ARG A 53 -0.21 -15.41 3.50
C ARG A 53 0.09 -14.49 2.28
N VAL A 54 0.93 -14.98 1.38
CA VAL A 54 1.27 -14.24 0.15
C VAL A 54 1.10 -15.13 -1.08
N GLY A 55 1.08 -14.52 -2.26
CA GLY A 55 0.95 -15.24 -3.55
C GLY A 55 -0.39 -15.94 -3.80
N ASP A 56 -1.45 -15.39 -3.24
CA ASP A 56 -2.79 -15.98 -3.35
C ASP A 56 -3.72 -14.99 -4.09
N ARG A 57 -4.52 -15.49 -5.05
CA ARG A 57 -5.54 -14.64 -5.71
C ARG A 57 -6.96 -15.22 -5.61
N ASN A 58 -7.04 -16.52 -5.32
CA ASN A 58 -8.29 -17.28 -5.19
C ASN A 58 -8.20 -18.17 -3.94
N THR A 59 -8.96 -17.84 -2.89
CA THR A 59 -8.90 -18.60 -1.64
C THR A 59 -9.54 -20.00 -1.72
N GLU A 60 -10.16 -20.33 -2.86
CA GLU A 60 -10.82 -21.64 -3.01
C GLU A 60 -10.13 -22.63 -3.96
N GLN A 61 -8.90 -22.34 -4.35
CA GLN A 61 -8.12 -23.23 -5.24
C GLN A 61 -6.63 -23.06 -4.96
N GLU A 62 -5.85 -24.12 -5.20
CA GLU A 62 -4.39 -24.06 -5.04
C GLU A 62 -3.77 -23.69 -6.39
N GLU A 63 -3.30 -22.45 -6.49
CA GLU A 63 -2.75 -21.88 -7.70
C GLU A 63 -1.28 -22.24 -7.87
N GLY A 64 -0.64 -22.65 -6.77
CA GLY A 64 0.76 -23.06 -6.76
C GLY A 64 1.77 -22.03 -6.30
N GLY A 65 1.35 -20.79 -6.13
CA GLY A 65 2.27 -19.73 -5.65
C GLY A 65 2.13 -19.34 -4.18
N GLU A 66 1.12 -19.89 -3.49
CA GLU A 66 0.84 -19.54 -2.08
C GLU A 66 1.94 -19.89 -1.08
N ALA A 67 2.18 -19.02 -0.11
CA ALA A 67 3.14 -19.31 0.96
C ALA A 67 2.67 -18.70 2.27
N VAL A 68 2.63 -19.50 3.33
CA VAL A 68 2.26 -19.00 4.66
C VAL A 68 3.56 -18.75 5.45
N HIS A 69 3.62 -17.62 6.17
CA HIS A 69 4.77 -17.21 6.99
C HIS A 69 4.40 -16.88 8.41
N GLU A 70 5.21 -17.33 9.35
CA GLU A 70 5.00 -16.99 10.77
C GLU A 70 5.63 -15.64 11.10
N VAL A 71 5.04 -14.96 12.08
CA VAL A 71 5.52 -13.65 12.51
C VAL A 71 6.47 -13.82 13.70
N GLU A 72 7.64 -13.20 13.60
CA GLU A 72 8.64 -13.22 14.65
C GLU A 72 8.52 -12.02 15.60
N VAL A 73 8.31 -10.82 15.05
CA VAL A 73 8.22 -9.57 15.83
C VAL A 73 7.10 -8.68 15.30
N VAL A 74 6.29 -8.15 16.22
CA VAL A 74 5.26 -7.15 15.88
C VAL A 74 5.76 -5.74 16.30
N ILE A 75 5.85 -4.82 15.35
CA ILE A 75 6.28 -3.45 15.65
C ILE A 75 5.13 -2.45 15.42
N LYS A 76 4.39 -2.15 16.49
CA LYS A 76 3.28 -1.21 16.45
C LYS A 76 3.77 0.21 16.79
N HIS A 77 3.21 1.25 16.15
CA HIS A 77 3.59 2.64 16.48
C HIS A 77 3.15 2.93 17.90
N ASN A 78 4.07 3.46 18.71
CA ASN A 78 3.74 3.72 20.12
C ASN A 78 2.73 4.84 20.37
N ARG A 79 2.51 5.70 19.37
CA ARG A 79 1.52 6.78 19.51
C ARG A 79 0.13 6.44 18.94
N PHE A 80 -0.05 5.19 18.47
CA PHE A 80 -1.36 4.77 17.97
C PHE A 80 -2.41 4.91 19.05
N THR A 81 -3.63 5.30 18.66
CA THR A 81 -4.76 5.46 19.60
C THR A 81 -6.08 4.99 18.98
N LYS A 82 -6.81 4.14 19.70
CA LYS A 82 -8.10 3.60 19.22
C LYS A 82 -9.22 4.62 19.11
N GLU A 83 -9.07 5.74 19.81
CA GLU A 83 -10.10 6.78 19.81
C GLU A 83 -10.29 7.40 18.42
N THR A 84 -9.18 7.70 17.76
CA THR A 84 -9.22 8.41 16.49
C THR A 84 -8.58 7.64 15.32
N TYR A 85 -7.85 6.57 15.65
CA TYR A 85 -7.06 5.78 14.68
C TYR A 85 -5.85 6.58 14.18
N ASP A 86 -5.41 7.54 14.98
CA ASP A 86 -4.23 8.32 14.66
C ASP A 86 -3.03 7.36 14.80
N PHE A 87 -1.97 7.60 14.03
CA PHE A 87 -0.79 6.71 13.98
C PHE A 87 -1.18 5.24 13.74
N ASP A 88 -2.05 4.99 12.77
CA ASP A 88 -2.53 3.63 12.46
C ASP A 88 -1.56 2.89 11.51
N ILE A 89 -0.44 2.44 12.06
CA ILE A 89 0.63 1.81 11.28
C ILE A 89 1.45 0.82 12.11
N ALA A 90 1.77 -0.32 11.50
CA ALA A 90 2.58 -1.35 12.11
C ALA A 90 3.44 -2.04 11.07
N VAL A 91 4.58 -2.56 11.52
CA VAL A 91 5.49 -3.34 10.68
C VAL A 91 5.69 -4.73 11.32
N LEU A 92 5.64 -5.77 10.48
CA LEU A 92 5.84 -7.15 10.95
C LEU A 92 7.12 -7.76 10.38
N ARG A 93 7.98 -8.31 11.24
CA ARG A 93 9.15 -9.06 10.77
C ARG A 93 8.81 -10.55 10.77
N LEU A 94 9.07 -11.22 9.65
CA LEU A 94 8.73 -12.64 9.51
C LEU A 94 9.85 -13.57 9.97
N LYS A 95 9.48 -14.74 10.51
CA LYS A 95 10.46 -15.76 10.93
C LYS A 95 11.33 -16.25 9.75
N THR A 96 10.71 -16.51 8.60
CA THR A 96 11.43 -16.98 7.40
C THR A 96 11.27 -15.96 6.26
N PRO A 97 12.30 -15.85 5.37
CA PRO A 97 12.18 -14.86 4.29
C PRO A 97 11.23 -15.28 3.18
N ILE A 98 10.56 -14.28 2.59
CA ILE A 98 9.68 -14.51 1.46
C ILE A 98 10.52 -14.77 0.20
N THR A 99 10.23 -15.88 -0.48
CA THR A 99 10.89 -16.18 -1.76
C THR A 99 10.06 -15.54 -2.89
N PHE A 100 10.57 -14.48 -3.50
CA PHE A 100 9.83 -13.79 -4.58
C PHE A 100 9.67 -14.70 -5.80
N ARG A 101 8.56 -14.54 -6.52
CA ARG A 101 8.19 -15.35 -7.71
C ARG A 101 6.94 -14.73 -8.34
N MET A 102 6.33 -15.43 -9.29
CA MET A 102 5.08 -14.98 -9.91
C MET A 102 4.06 -14.74 -8.80
N ASN A 103 3.47 -13.53 -8.76
CA ASN A 103 2.50 -13.12 -7.75
C ASN A 103 3.04 -12.81 -6.35
N VAL A 104 4.37 -12.73 -6.20
CA VAL A 104 5.00 -12.47 -4.90
C VAL A 104 6.19 -11.55 -5.11
N ALA A 105 6.00 -10.25 -4.84
CA ALA A 105 7.07 -9.23 -5.04
C ALA A 105 6.83 -7.97 -4.19
N PRO A 106 7.90 -7.23 -3.83
CA PRO A 106 7.63 -6.06 -3.00
C PRO A 106 7.23 -4.82 -3.77
N ALA A 107 6.56 -3.89 -3.08
CA ALA A 107 6.24 -2.56 -3.62
C ALA A 107 7.36 -1.61 -3.16
N CYS A 108 7.63 -0.54 -3.90
CA CYS A 108 8.73 0.37 -3.53
C CYS A 108 8.32 1.41 -2.52
N LEU A 109 9.24 1.72 -1.58
CA LEU A 109 9.05 2.81 -0.65
C LEU A 109 9.59 4.06 -1.33
N PRO A 110 8.77 5.14 -1.42
CA PRO A 110 9.24 6.37 -2.07
C PRO A 110 9.96 7.28 -1.06
N GLU A 111 10.62 8.35 -1.54
CA GLU A 111 11.15 9.40 -0.65
C GLU A 111 10.00 10.40 -0.37
N ARG A 112 9.97 11.00 0.81
CA ARG A 112 8.85 11.88 1.22
C ARG A 112 8.49 13.05 0.28
N ASP A 113 9.41 13.99 0.07
CA ASP A 113 9.13 15.20 -0.71
C ASP A 113 8.65 14.88 -2.14
N TRP A 114 9.35 13.97 -2.81
CA TRP A 114 8.98 13.56 -4.17
C TRP A 114 7.61 12.92 -4.22
N ALA A 115 7.32 12.00 -3.30
CA ALA A 115 5.99 11.34 -3.21
C ALA A 115 4.82 12.33 -2.97
N GLU A 116 5.04 13.29 -2.08
CA GLU A 116 4.00 14.29 -1.76
C GLU A 116 3.78 15.29 -2.89
N SER A 117 4.86 15.68 -3.56
CA SER A 117 4.72 16.62 -4.68
C SER A 117 4.34 15.96 -6.01
N THR A 118 4.74 14.71 -6.21
CA THR A 118 4.54 14.03 -7.49
C THR A 118 3.57 12.83 -7.52
N LEU A 119 3.62 11.95 -6.54
CA LEU A 119 2.72 10.79 -6.50
C LEU A 119 1.33 11.15 -5.98
N MET A 120 1.28 11.86 -4.85
CA MET A 120 0.03 12.25 -4.22
C MET A 120 -0.72 13.36 -4.97
N THR A 121 -0.10 13.87 -6.05
CA THR A 121 -0.76 14.86 -6.88
C THR A 121 -1.22 14.25 -8.20
N GLN A 122 -1.04 12.94 -8.38
CA GLN A 122 -1.53 12.22 -9.57
C GLN A 122 -3.06 12.12 -9.40
N LYS A 123 -3.79 11.74 -10.46
CA LYS A 123 -5.25 11.65 -10.35
C LYS A 123 -5.73 10.58 -9.37
N THR A 124 -5.11 9.40 -9.45
CA THR A 124 -5.57 8.23 -8.68
C THR A 124 -4.48 7.38 -8.06
N GLY A 125 -4.92 6.55 -7.10
CA GLY A 125 -4.09 5.51 -6.52
C GLY A 125 -4.82 4.19 -6.74
N ILE A 126 -4.21 3.09 -6.31
CA ILE A 126 -4.83 1.76 -6.43
C ILE A 126 -4.90 1.11 -5.05
N VAL A 127 -6.08 0.64 -4.66
CA VAL A 127 -6.28 -0.04 -3.39
C VAL A 127 -6.65 -1.50 -3.72
N SER A 128 -6.27 -2.44 -2.85
CA SER A 128 -6.55 -3.87 -3.11
C SER A 128 -6.81 -4.73 -1.87
N GLY A 129 -7.53 -5.84 -2.03
CA GLY A 129 -7.81 -6.76 -0.91
C GLY A 129 -8.85 -7.85 -1.12
N PHE A 130 -9.00 -8.73 -0.11
CA PHE A 130 -10.02 -9.79 -0.06
C PHE A 130 -11.17 -9.41 0.87
N GLY A 131 -11.37 -8.11 1.11
CA GLY A 131 -12.45 -7.66 2.01
C GLY A 131 -13.85 -7.73 1.43
N ARG A 132 -14.83 -7.31 2.24
CA ARG A 132 -16.25 -7.33 1.82
C ARG A 132 -16.50 -6.66 0.49
N THR A 133 -17.39 -7.26 -0.30
N THR A 133 -17.40 -7.26 -0.30
CA THR A 133 -17.76 -6.78 -1.63
CA THR A 133 -17.76 -6.78 -1.62
C THR A 133 -18.89 -5.73 -1.61
C THR A 133 -18.88 -5.72 -1.61
N HIS A 134 -19.45 -5.51 -0.42
CA HIS A 134 -20.46 -4.46 -0.14
C HIS A 134 -20.64 -4.38 1.34
N GLU A 135 -21.03 -3.20 1.84
CA GLU A 135 -21.10 -2.92 3.29
C GLU A 135 -21.58 -4.07 4.20
N LYS A 136 -22.60 -4.81 3.76
CA LYS A 136 -23.16 -5.89 4.58
C LYS A 136 -22.93 -7.28 3.98
N GLY A 137 -22.14 -7.34 2.91
CA GLY A 137 -21.86 -8.59 2.23
C GLY A 137 -20.84 -9.50 2.88
N ARG A 138 -20.48 -10.55 2.14
CA ARG A 138 -19.48 -11.51 2.57
C ARG A 138 -18.11 -11.08 2.05
N GLN A 139 -17.07 -11.69 2.60
CA GLN A 139 -15.71 -11.43 2.12
C GLN A 139 -15.48 -12.07 0.75
N SER A 140 -14.65 -11.43 -0.05
CA SER A 140 -14.34 -11.91 -1.39
C SER A 140 -13.42 -13.13 -1.33
N THR A 141 -13.67 -14.12 -2.18
CA THR A 141 -12.74 -15.26 -2.29
C THR A 141 -11.69 -14.93 -3.35
N ARG A 142 -11.89 -13.82 -4.04
CA ARG A 142 -10.97 -13.38 -5.10
C ARG A 142 -10.29 -12.07 -4.71
N LEU A 143 -8.99 -11.96 -4.97
CA LEU A 143 -8.30 -10.70 -4.71
C LEU A 143 -8.79 -9.65 -5.70
N LYS A 144 -9.20 -8.49 -5.18
CA LYS A 144 -9.64 -7.38 -6.01
C LYS A 144 -8.78 -6.12 -5.84
N MET A 145 -8.77 -5.29 -6.87
CA MET A 145 -8.10 -4.00 -6.89
C MET A 145 -9.10 -2.96 -7.42
N LEU A 146 -8.84 -1.69 -7.14
CA LEU A 146 -9.72 -0.58 -7.54
C LEU A 146 -8.95 0.73 -7.65
N GLU A 147 -9.15 1.48 -8.74
CA GLU A 147 -8.59 2.83 -8.85
C GLU A 147 -9.40 3.80 -8.00
N VAL A 148 -8.73 4.55 -7.13
CA VAL A 148 -9.40 5.51 -6.26
C VAL A 148 -8.79 6.91 -6.41
N PRO A 149 -9.60 7.89 -6.84
CA PRO A 149 -9.08 9.24 -6.99
C PRO A 149 -8.61 9.84 -5.68
N TYR A 150 -7.55 10.64 -5.72
CA TYR A 150 -7.16 11.40 -4.53
C TYR A 150 -8.24 12.45 -4.31
N VAL A 151 -8.61 12.68 -3.05
CA VAL A 151 -9.68 13.61 -2.72
C VAL A 151 -9.13 14.86 -2.02
N ASP A 152 -9.58 16.02 -2.47
CA ASP A 152 -9.22 17.30 -1.86
C ASP A 152 -9.36 17.23 -0.34
N ARG A 153 -8.31 17.60 0.36
CA ARG A 153 -8.21 17.53 1.83
C ARG A 153 -9.31 18.31 2.57
N ASN A 154 -9.62 19.52 2.10
CA ASN A 154 -10.67 20.36 2.69
C ASN A 154 -12.06 19.70 2.55
N SER A 155 -12.37 19.23 1.33
CA SER A 155 -13.65 18.56 1.08
C SER A 155 -13.79 17.34 1.97
N CYS A 156 -12.69 16.62 2.14
CA CYS A 156 -12.73 15.44 2.95
C CYS A 156 -13.07 15.79 4.38
N LYS A 157 -12.39 16.80 4.93
CA LYS A 157 -12.63 17.24 6.31
C LYS A 157 -14.09 17.65 6.49
N LEU A 158 -14.63 18.40 5.53
CA LEU A 158 -16.04 18.83 5.58
C LEU A 158 -17.03 17.65 5.60
N SER A 159 -16.69 16.56 4.92
CA SER A 159 -17.57 15.38 4.85
C SER A 159 -17.51 14.48 6.08
N SER A 160 -16.47 14.60 6.90
CA SER A 160 -16.27 13.65 8.00
C SER A 160 -16.82 14.03 9.38
N SER A 161 -17.37 13.02 10.06
CA SER A 161 -17.93 13.16 11.41
C SER A 161 -16.88 12.83 12.45
N PHE A 162 -15.70 12.40 11.99
CA PHE A 162 -14.60 12.06 12.88
C PHE A 162 -13.38 12.83 12.41
N ILE A 163 -12.47 13.14 13.33
CA ILE A 163 -11.29 13.95 13.02
C ILE A 163 -10.33 13.32 11.98
N ILE A 164 -9.82 14.18 11.07
CA ILE A 164 -8.81 13.81 10.07
C ILE A 164 -7.50 14.45 10.51
N THR A 165 -6.57 13.66 11.02
CA THR A 165 -5.31 14.17 11.53
C THR A 165 -4.29 14.36 10.40
N GLN A 166 -3.13 14.92 10.77
CA GLN A 166 -2.03 15.16 9.83
C GLN A 166 -1.49 13.81 9.28
N ASN A 167 -1.86 12.72 9.96
CA ASN A 167 -1.41 11.36 9.64
C ASN A 167 -2.35 10.55 8.76
N MET A 168 -3.35 11.22 8.18
CA MET A 168 -4.36 10.58 7.33
C MET A 168 -4.61 11.39 6.07
N PHE A 169 -5.09 10.69 5.02
CA PHE A 169 -5.55 11.32 3.78
C PHE A 169 -6.80 10.59 3.27
N CYS A 170 -7.49 11.23 2.34
CA CYS A 170 -8.74 10.68 1.80
C CYS A 170 -8.66 10.30 0.33
N ALA A 171 -9.38 9.23 -0.03
CA ALA A 171 -9.45 8.78 -1.43
C ALA A 171 -10.78 8.07 -1.68
N GLY A 172 -11.23 8.10 -2.93
CA GLY A 172 -12.48 7.43 -3.30
C GLY A 172 -13.46 8.32 -4.04
N TYR A 173 -14.75 8.04 -3.85
CA TYR A 173 -15.81 8.75 -4.54
C TYR A 173 -16.90 9.29 -3.62
N ASP A 174 -17.44 10.44 -4.02
CA ASP A 174 -18.57 11.07 -3.33
C ASP A 174 -19.77 10.11 -3.38
N THR A 175 -20.26 9.81 -4.59
CA THR A 175 -21.45 8.95 -4.72
C THR A 175 -21.27 7.64 -5.50
N LYS A 176 -20.35 7.60 -6.47
CA LYS A 176 -20.12 6.36 -7.22
C LYS A 176 -19.93 5.17 -6.26
N GLN A 177 -20.44 4.00 -6.65
CA GLN A 177 -20.40 2.79 -5.79
C GLN A 177 -19.09 1.98 -5.83
N GLU A 178 -18.00 2.61 -5.39
CA GLU A 178 -16.68 1.96 -5.33
C GLU A 178 -15.91 2.46 -4.11
N ASP A 179 -15.33 1.52 -3.36
CA ASP A 179 -14.62 1.82 -2.11
C ASP A 179 -13.96 0.53 -1.58
N ALA A 180 -13.12 0.70 -0.56
CA ALA A 180 -12.54 -0.41 0.16
C ALA A 180 -13.57 -0.71 1.24
N CYS A 181 -13.42 -1.82 1.97
CA CYS A 181 -14.40 -2.17 3.01
C CYS A 181 -13.78 -3.02 4.12
N GLN A 182 -14.61 -3.52 5.05
CA GLN A 182 -14.09 -4.36 6.13
C GLN A 182 -13.36 -5.56 5.54
N GLY A 183 -12.25 -5.92 6.16
CA GLY A 183 -11.41 -7.02 5.65
C GLY A 183 -10.21 -6.53 4.85
N ASP A 184 -10.34 -5.35 4.22
CA ASP A 184 -9.27 -4.72 3.43
C ASP A 184 -8.29 -3.91 4.29
N SER A 185 -8.70 -3.54 5.51
CA SER A 185 -7.87 -2.74 6.43
C SER A 185 -6.47 -3.33 6.53
N GLY A 186 -5.47 -2.46 6.67
CA GLY A 186 -4.07 -2.91 6.71
C GLY A 186 -3.44 -3.10 5.32
N GLY A 187 -4.29 -3.17 4.30
CA GLY A 187 -3.85 -3.43 2.90
C GLY A 187 -3.15 -2.29 2.14
N PRO A 188 -2.66 -2.58 0.93
CA PRO A 188 -1.95 -1.59 0.12
C PRO A 188 -2.77 -0.49 -0.55
N HIS A 189 -2.24 0.72 -0.51
CA HIS A 189 -2.70 1.81 -1.36
C HIS A 189 -1.43 2.15 -2.08
N VAL A 190 -1.37 1.93 -3.40
CA VAL A 190 -0.14 2.21 -4.19
C VAL A 190 -0.40 3.24 -5.31
N THR A 191 0.65 3.93 -5.75
CA THR A 191 0.57 4.90 -6.85
C THR A 191 1.56 4.53 -7.95
N ARG A 192 1.05 4.44 -9.17
CA ARG A 192 1.86 4.10 -10.33
C ARG A 192 2.54 5.35 -10.93
N PHE A 193 3.81 5.21 -11.29
CA PHE A 193 4.59 6.28 -11.95
C PHE A 193 5.58 5.59 -12.87
N LYS A 194 5.41 5.81 -14.19
CA LYS A 194 6.24 5.17 -15.23
C LYS A 194 6.32 3.64 -15.08
N ASP A 195 5.17 3.00 -14.93
CA ASP A 195 5.12 1.52 -14.76
C ASP A 195 5.79 0.94 -13.50
N THR A 196 6.04 1.80 -12.50
CA THR A 196 6.57 1.38 -11.21
C THR A 196 5.62 1.80 -10.10
N TYR A 197 5.29 0.87 -9.20
CA TYR A 197 4.31 1.06 -8.14
C TYR A 197 4.93 1.33 -6.74
N PHE A 198 4.60 2.50 -6.17
CA PHE A 198 5.14 2.95 -4.88
C PHE A 198 4.07 2.92 -3.78
N VAL A 199 4.46 2.52 -2.58
CA VAL A 199 3.49 2.51 -1.46
C VAL A 199 3.15 3.95 -1.06
N THR A 200 1.88 4.30 -1.10
CA THR A 200 1.43 5.65 -0.72
C THR A 200 0.45 5.68 0.49
N GLY A 201 -0.12 4.54 0.85
CA GLY A 201 -1.08 4.53 1.95
C GLY A 201 -1.36 3.15 2.53
N ILE A 202 -2.03 3.13 3.67
CA ILE A 202 -2.49 1.91 4.31
C ILE A 202 -4.03 2.04 4.50
N VAL A 203 -4.79 1.02 4.07
CA VAL A 203 -6.25 1.02 4.25
C VAL A 203 -6.57 1.15 5.75
N SER A 204 -7.28 2.23 6.14
CA SER A 204 -7.44 2.50 7.59
C SER A 204 -8.87 2.44 8.13
N TRP A 205 -9.74 3.33 7.64
CA TRP A 205 -11.12 3.37 8.13
C TRP A 205 -12.07 4.12 7.23
N GLY A 206 -13.36 4.08 7.57
CA GLY A 206 -14.40 4.77 6.81
C GLY A 206 -15.72 4.64 7.52
N GLU A 207 -16.63 5.58 7.28
CA GLU A 207 -17.98 5.53 7.88
C GLU A 207 -18.81 4.61 6.98
N GLY A 208 -18.69 3.30 7.20
CA GLY A 208 -19.35 2.33 6.32
C GLY A 208 -18.49 2.07 5.10
N CYS A 209 -19.11 1.69 3.99
CA CYS A 209 -18.37 1.40 2.77
C CYS A 209 -19.14 1.97 1.59
N ALA A 210 -18.48 2.82 0.82
CA ALA A 210 -19.06 3.45 -0.40
C ALA A 210 -20.32 4.30 -0.21
N ARG A 211 -20.52 4.88 0.97
CA ARG A 211 -21.67 5.76 1.22
C ARG A 211 -21.59 7.10 0.48
N LYS A 212 -22.78 7.65 0.17
CA LYS A 212 -22.94 8.95 -0.48
C LYS A 212 -22.33 9.96 0.46
N GLY A 213 -21.53 10.88 -0.08
CA GLY A 213 -20.92 11.92 0.75
C GLY A 213 -19.86 11.50 1.76
N LYS A 214 -19.37 10.25 1.63
CA LYS A 214 -18.29 9.73 2.49
C LYS A 214 -17.14 9.13 1.66
N TYR A 215 -15.88 9.29 2.14
CA TYR A 215 -14.68 8.75 1.45
C TYR A 215 -13.93 7.72 2.29
N GLY A 216 -12.98 7.01 1.66
CA GLY A 216 -12.12 6.06 2.40
C GLY A 216 -10.95 6.81 3.03
N ILE A 217 -10.64 6.50 4.28
CA ILE A 217 -9.53 7.16 4.93
C ILE A 217 -8.33 6.21 5.06
N TYR A 218 -7.15 6.73 4.68
CA TYR A 218 -5.89 5.96 4.63
C TYR A 218 -4.78 6.56 5.50
N THR A 219 -3.95 5.71 6.10
CA THR A 219 -2.78 6.22 6.83
C THR A 219 -1.83 6.85 5.78
N LYS A 220 -1.34 8.05 6.07
CA LYS A 220 -0.42 8.78 5.17
C LYS A 220 1.02 8.25 5.36
N VAL A 221 1.35 7.23 4.58
CA VAL A 221 2.66 6.58 4.62
C VAL A 221 3.86 7.57 4.51
N THR A 222 3.73 8.60 3.68
CA THR A 222 4.84 9.57 3.50
C THR A 222 5.28 10.26 4.82
N ALA A 223 4.37 10.32 5.79
CA ALA A 223 4.66 10.91 7.10
C ALA A 223 5.45 9.95 8.02
N PHE A 224 5.48 8.67 7.65
CA PHE A 224 6.10 7.61 8.44
C PHE A 224 7.33 6.91 7.81
N LEU A 225 7.92 7.50 6.78
CA LEU A 225 9.07 6.86 6.10
C LEU A 225 10.32 6.67 6.96
N LYS A 226 10.66 7.66 7.79
CA LYS A 226 11.82 7.47 8.68
C LYS A 226 11.49 6.41 9.74
N TRP A 227 10.24 6.40 10.19
CA TRP A 227 9.78 5.42 11.19
C TRP A 227 9.84 4.01 10.63
N ILE A 228 9.38 3.86 9.37
CA ILE A 228 9.44 2.57 8.69
C ILE A 228 10.91 2.15 8.53
N ASP A 229 11.77 3.09 8.10
CA ASP A 229 13.20 2.76 7.95
C ASP A 229 13.86 2.22 9.20
N ARG A 230 13.56 2.84 10.35
CA ARG A 230 14.07 2.41 11.66
C ARG A 230 13.56 1.02 12.05
N SER A 231 12.25 0.83 11.92
CA SER A 231 11.61 -0.44 12.23
C SER A 231 12.18 -1.61 11.42
N MET A 232 12.59 -1.34 10.18
CA MET A 232 13.14 -2.38 9.30
C MET A 232 14.61 -2.72 9.60
N LYS A 233 15.23 -2.02 10.54
CA LYS A 233 16.63 -2.28 10.88
C LYS A 233 16.79 -2.96 12.24
N THR A 234 15.73 -2.91 13.05
CA THR A 234 15.70 -3.55 14.36
C THR A 234 14.36 -4.23 14.57
N ARG B 81 6.91 26.17 -14.67
CA ARG B 81 7.39 24.78 -14.45
C ARG B 81 8.88 24.66 -14.81
N LYS B 82 9.71 24.54 -13.78
CA LYS B 82 11.16 24.42 -13.94
C LYS B 82 11.71 23.18 -13.25
N LEU B 83 12.80 22.65 -13.78
CA LEU B 83 13.50 21.49 -13.19
C LEU B 83 12.57 20.30 -12.84
N CYS B 84 12.48 19.92 -11.57
CA CYS B 84 11.66 18.75 -11.18
C CYS B 84 10.17 18.89 -11.46
N SER B 85 9.67 20.12 -11.53
CA SER B 85 8.25 20.29 -11.83
C SER B 85 7.95 20.22 -13.34
N LEU B 86 9.00 20.22 -14.17
CA LEU B 86 8.83 20.05 -15.63
C LEU B 86 9.06 18.57 -16.01
N ASP B 87 7.97 17.81 -16.13
CA ASP B 87 8.00 16.39 -16.47
C ASP B 87 8.99 15.57 -15.61
N ASN B 88 8.99 15.82 -14.29
CA ASN B 88 9.85 15.11 -13.33
C ASN B 88 11.34 15.25 -13.63
N GLY B 89 11.74 16.36 -14.26
CA GLY B 89 13.15 16.58 -14.62
C GLY B 89 13.76 15.51 -15.55
N ASP B 90 12.91 14.78 -16.29
CA ASP B 90 13.33 13.67 -17.17
C ASP B 90 13.78 12.41 -16.38
N CYS B 91 13.60 12.42 -15.05
CA CYS B 91 14.01 11.28 -14.19
C CYS B 91 13.04 10.11 -14.27
N ASP B 92 13.54 8.87 -14.17
CA ASP B 92 12.67 7.70 -14.12
C ASP B 92 11.89 7.62 -12.79
N GLN B 93 12.59 7.96 -11.69
CA GLN B 93 12.00 7.86 -10.35
C GLN B 93 12.16 9.17 -9.56
N PHE B 94 12.94 9.17 -8.47
CA PHE B 94 13.05 10.36 -7.61
C PHE B 94 13.78 11.54 -8.29
N CYS B 95 13.23 12.75 -8.11
CA CYS B 95 13.85 13.96 -8.65
C CYS B 95 14.04 14.92 -7.50
N HIS B 96 15.22 15.50 -7.40
CA HIS B 96 15.44 16.61 -6.47
C HIS B 96 16.29 17.72 -7.07
N GLU B 97 16.11 18.94 -6.58
CA GLU B 97 16.81 20.12 -7.11
C GLU B 97 17.92 20.57 -6.18
N GLU B 98 19.15 20.61 -6.69
CA GLU B 98 20.30 21.09 -5.93
C GLU B 98 21.00 22.18 -6.73
N GLN B 99 21.19 23.34 -6.09
CA GLN B 99 21.89 24.48 -6.69
C GLN B 99 21.49 24.78 -8.14
N ASN B 100 20.18 24.90 -8.36
CA ASN B 100 19.58 25.20 -9.67
C ASN B 100 19.87 24.12 -10.73
N SER B 101 19.79 22.85 -10.30
CA SER B 101 20.08 21.70 -11.15
C SER B 101 19.32 20.45 -10.69
N VAL B 102 18.83 19.66 -11.65
CA VAL B 102 18.08 18.43 -11.36
C VAL B 102 19.05 17.29 -11.00
N VAL B 103 18.77 16.57 -9.91
CA VAL B 103 19.56 15.37 -9.55
C VAL B 103 18.57 14.20 -9.43
N CYS B 104 18.72 13.17 -10.28
CA CYS B 104 17.82 12.00 -10.26
C CYS B 104 18.35 10.90 -9.35
N SER B 105 17.46 10.10 -8.78
CA SER B 105 17.84 8.95 -7.93
C SER B 105 16.78 7.83 -8.04
N CYS B 106 17.04 6.68 -7.42
CA CYS B 106 16.22 5.49 -7.58
C CYS B 106 15.91 4.81 -6.25
N ALA B 107 14.83 4.03 -6.21
CA ALA B 107 14.44 3.24 -5.03
C ALA B 107 15.47 2.16 -4.74
N ARG B 108 15.47 1.66 -3.49
CA ARG B 108 16.39 0.61 -3.08
C ARG B 108 16.19 -0.62 -3.99
N GLY B 109 17.30 -1.20 -4.45
CA GLY B 109 17.24 -2.31 -5.41
C GLY B 109 17.38 -1.89 -6.87
N TYR B 110 17.52 -0.58 -7.14
CA TYR B 110 17.77 -0.10 -8.51
C TYR B 110 19.09 0.68 -8.47
N THR B 111 19.78 0.79 -9.60
CA THR B 111 20.95 1.67 -9.67
C THR B 111 20.74 2.70 -10.78
N LEU B 112 21.30 3.89 -10.59
CA LEU B 112 21.16 4.96 -11.57
C LEU B 112 22.05 4.66 -12.79
N ALA B 113 21.47 4.68 -13.97
CA ALA B 113 22.19 4.39 -15.21
C ALA B 113 23.29 5.44 -15.52
N ASP B 114 24.11 5.16 -16.54
N ASP B 114 24.11 5.16 -16.55
CA ASP B 114 25.19 6.06 -16.97
CA ASP B 114 25.19 6.05 -17.00
C ASP B 114 24.67 7.46 -17.35
C ASP B 114 24.68 7.45 -17.36
N ASN B 115 23.47 7.53 -17.92
CA ASN B 115 22.86 8.82 -18.30
C ASN B 115 22.38 9.65 -17.10
N GLY B 116 22.49 9.08 -15.90
CA GLY B 116 22.07 9.76 -14.67
C GLY B 116 20.56 10.04 -14.57
N LYS B 117 19.75 9.31 -15.34
CA LYS B 117 18.30 9.52 -15.33
C LYS B 117 17.47 8.24 -15.16
N ALA B 118 17.82 7.19 -15.91
CA ALA B 118 17.10 5.92 -15.84
C ALA B 118 17.52 5.10 -14.61
N CYS B 119 16.60 4.24 -14.17
CA CYS B 119 16.81 3.36 -13.02
C CYS B 119 16.86 1.90 -13.48
N ILE B 120 17.95 1.19 -13.19
CA ILE B 120 18.13 -0.22 -13.62
C ILE B 120 18.04 -1.22 -12.44
N PRO B 121 17.18 -2.25 -12.56
CA PRO B 121 17.07 -3.24 -11.46
C PRO B 121 18.39 -3.97 -11.25
N THR B 122 18.80 -4.16 -10.00
CA THR B 122 20.06 -4.86 -9.70
C THR B 122 19.89 -6.38 -9.64
N GLY B 123 18.67 -6.85 -9.41
CA GLY B 123 18.43 -8.29 -9.34
C GLY B 123 17.03 -8.67 -9.80
N PRO B 124 16.69 -9.97 -9.72
CA PRO B 124 15.35 -10.46 -10.09
C PRO B 124 14.26 -9.91 -9.13
N TYR B 125 13.01 -9.85 -9.60
CA TYR B 125 11.87 -9.36 -8.79
C TYR B 125 12.14 -8.04 -8.05
N PRO B 126 12.53 -6.98 -8.80
CA PRO B 126 12.79 -5.67 -8.18
C PRO B 126 11.48 -5.05 -7.67
N CYS B 127 11.54 -4.18 -6.65
CA CYS B 127 10.32 -3.56 -6.12
C CYS B 127 9.51 -2.80 -7.17
N GLY B 128 8.19 -2.79 -6.97
CA GLY B 128 7.29 -1.98 -7.77
C GLY B 128 6.91 -2.50 -9.15
N LYS B 129 7.37 -3.69 -9.52
CA LYS B 129 7.05 -4.28 -10.84
C LYS B 129 6.10 -5.46 -10.80
N GLN B 130 5.02 -5.38 -11.58
CA GLN B 130 4.10 -6.51 -11.74
C GLN B 130 4.94 -7.67 -12.29
N THR B 131 4.66 -8.90 -11.86
CA THR B 131 5.49 -10.04 -12.26
C THR B 131 5.01 -10.65 -13.59
N LEU B 132 5.95 -11.05 -14.45
CA LEU B 132 5.63 -11.67 -15.75
C LEU B 132 6.21 -13.08 -15.81
N GLU B 133 5.87 -13.86 -16.83
CA GLU B 133 6.44 -15.21 -17.07
C GLU B 133 5.60 -16.04 -18.06
CA CA C . -5.30 -20.01 -3.75
MG MG D . -18.67 8.00 -1.05
C01 4O6 E . -15.69 5.62 11.69
C05 4O6 E . -14.93 4.30 11.84
C07 4O6 E . -14.56 4.04 13.29
O08 4O6 E . -15.29 3.36 14.00
N09 4O6 E . -13.42 4.59 13.78
C10 4O6 E . -12.48 5.39 12.97
C13 4O6 E . -12.09 6.64 13.72
O16 4O6 E . -11.54 6.32 14.99
C17 4O6 E . -12.53 5.67 15.78
C20 4O6 E . -12.97 4.37 15.16
N23 4O6 E . -15.67 3.16 11.28
C24 4O6 E . -17.13 3.00 11.39
C27 4O6 E . -17.34 1.53 11.09
C30 4O6 E . -16.21 1.26 10.07
N32 4O6 E . -15.81 -0.14 9.98
S34 4O6 E . -15.78 -0.89 8.54
O35 4O6 E . -16.97 -0.46 7.84
O36 4O6 E . -15.57 -2.29 8.80
C37 4O6 E . -14.39 -0.28 7.65
C39 4O6 E . -14.52 0.19 6.41
C41 4O6 E . -13.49 0.89 5.61
C42 4O6 E . -13.88 1.64 4.50
C44 4O6 E . -12.96 2.31 3.72
C46 4O6 E . -11.62 2.24 4.06
CL1 4O6 E . -10.44 3.08 3.08
C48 4O6 E . -11.19 1.52 5.16
C50 4O6 E . -12.13 0.85 5.93
C52 4O6 E . -15.10 2.19 10.54
O53 4O6 E . -13.92 2.10 10.26
#